data_2QW6
#
_entry.id   2QW6
#
_cell.length_a   62.868
_cell.length_b   87.016
_cell.length_c   87.703
_cell.angle_alpha   90.000
_cell.angle_beta   90.000
_cell.angle_gamma   90.000
#
_symmetry.space_group_name_H-M   'P 21 21 2'
#
loop_
_entity.id
_entity.type
_entity.pdbx_description
1 polymer 'AAA ATPase, central region'
2 water water
#
_entity_poly.entity_id   1
_entity_poly.type   'polypeptide(L)'
_entity_poly.pdbx_seq_one_letter_code
;MSLALTHDKNGDAHYDVISAFQKSIRGSDVDAALHYLARLVEAGDLASICRRLMVIGYEDIGLGNPAAAARTVNAVLAAE
KLGLPEARIPLADVVVDLCLSPKSEGHHHHHH
;
_entity_poly.pdbx_strand_id   A,B,C,D
#
# COMPACT_ATOMS: atom_id res chain seq x y z
N TYR A 15 9.44 -9.86 31.51
CA TYR A 15 9.39 -10.96 30.49
C TYR A 15 7.98 -11.32 30.03
N ASP A 16 7.86 -11.47 28.70
CA ASP A 16 6.61 -11.61 28.00
C ASP A 16 6.96 -12.09 26.60
N VAL A 17 6.11 -12.92 25.98
CA VAL A 17 6.38 -13.45 24.63
C VAL A 17 6.42 -12.33 23.59
N ILE A 18 5.43 -11.46 23.60
CA ILE A 18 5.36 -10.36 22.62
C ILE A 18 6.56 -9.38 22.70
N SER A 19 6.98 -9.05 23.93
CA SER A 19 8.20 -8.27 24.15
C SER A 19 9.45 -9.01 23.68
N ALA A 20 9.57 -10.29 24.03
CA ALA A 20 10.75 -11.06 23.65
C ALA A 20 10.83 -11.15 22.12
N PHE A 21 9.66 -11.30 21.49
CA PHE A 21 9.47 -11.21 20.02
C PHE A 21 10.03 -9.91 19.44
N GLN A 22 9.65 -8.79 20.05
CA GLN A 22 10.17 -7.49 19.66
C GLN A 22 11.69 -7.35 19.81
N LYS A 23 12.21 -7.79 20.95
CA LYS A 23 13.66 -7.80 21.18
C LYS A 23 14.41 -8.69 20.20
N SER A 24 13.88 -9.87 19.92
CA SER A 24 14.46 -10.73 18.92
C SER A 24 14.68 -10.04 17.59
N ILE A 25 13.67 -9.30 17.13
CA ILE A 25 13.72 -8.64 15.82
C ILE A 25 14.70 -7.46 15.84
N ARG A 26 14.64 -6.59 16.85
CA ARG A 26 15.66 -5.55 17.05
C ARG A 26 17.07 -6.13 17.12
N GLY A 27 17.21 -7.32 17.71
CA GLY A 27 18.49 -7.99 17.83
C GLY A 27 18.91 -8.70 16.56
N SER A 28 18.10 -8.56 15.50
CA SER A 28 18.32 -9.21 14.18
C SER A 28 18.32 -10.76 14.21
N ASP A 29 17.62 -11.32 15.20
CA ASP A 29 17.66 -12.78 15.41
C ASP A 29 16.42 -13.47 14.80
N VAL A 30 16.55 -13.90 13.56
CA VAL A 30 15.50 -14.54 12.79
C VAL A 30 14.97 -15.78 13.46
N ASP A 31 15.86 -16.64 13.91
CA ASP A 31 15.45 -17.93 14.47
C ASP A 31 14.57 -17.77 15.69
N ALA A 32 14.92 -16.83 16.54
CA ALA A 32 14.19 -16.61 17.80
C ALA A 32 12.91 -15.82 17.49
N ALA A 33 12.99 -14.90 16.53
CA ALA A 33 11.83 -14.10 16.13
C ALA A 33 10.74 -15.03 15.57
N LEU A 34 11.12 -15.98 14.70
CA LEU A 34 10.25 -17.03 14.18
C LEU A 34 9.72 -18.05 15.23
N HIS A 35 10.55 -18.40 16.22
CA HIS A 35 10.12 -19.22 17.36
C HIS A 35 8.93 -18.56 18.04
N TYR A 36 9.06 -17.27 18.30
CA TYR A 36 8.02 -16.53 19.03
C TYR A 36 6.81 -16.29 18.16
N LEU A 37 7.04 -16.00 16.87
CA LEU A 37 5.94 -15.82 15.95
C LEU A 37 5.04 -17.03 15.94
N ALA A 38 5.63 -18.22 15.78
CA ALA A 38 4.86 -19.49 15.75
C ALA A 38 4.04 -19.62 16.98
N ARG A 39 4.55 -19.16 18.11
CA ARG A 39 3.78 -19.22 19.35
C ARG A 39 2.65 -18.18 19.43
N LEU A 40 2.90 -16.96 18.95
CA LEU A 40 1.85 -15.94 18.95
C LEU A 40 0.69 -16.37 18.02
N VAL A 41 1.09 -16.97 16.90
CA VAL A 41 0.18 -17.59 15.93
C VAL A 41 -0.67 -18.75 16.54
N GLU A 42 -0.03 -19.78 17.10
CA GLU A 42 -0.71 -20.85 17.85
C GLU A 42 -1.74 -20.25 18.81
N ALA A 43 -1.35 -19.20 19.52
CA ALA A 43 -2.21 -18.55 20.49
C ALA A 43 -3.37 -17.72 19.86
N GLY A 44 -3.29 -17.46 18.56
CA GLY A 44 -4.31 -16.67 17.88
C GLY A 44 -4.31 -15.15 18.03
N ASP A 45 -3.29 -14.54 18.65
CA ASP A 45 -3.35 -13.05 18.79
C ASP A 45 -2.75 -12.35 17.59
N LEU A 46 -3.53 -12.34 16.51
CA LEU A 46 -3.13 -11.71 15.27
C LEU A 46 -2.83 -10.20 15.45
N ALA A 47 -3.63 -9.55 16.30
CA ALA A 47 -3.63 -8.09 16.45
C ALA A 47 -2.32 -7.60 17.08
N SER A 48 -1.85 -8.30 18.11
CA SER A 48 -0.61 -7.89 18.78
C SER A 48 0.63 -8.13 17.93
N ILE A 49 0.64 -9.20 17.15
CA ILE A 49 1.71 -9.42 16.20
C ILE A 49 1.79 -8.26 15.21
N CYS A 50 0.68 -8.00 14.52
CA CYS A 50 0.54 -6.90 13.58
C CYS A 50 0.92 -5.56 14.18
N ARG A 51 0.37 -5.24 15.36
CA ARG A 51 0.70 -3.98 16.05
C ARG A 51 2.21 -3.86 16.27
N ARG A 52 2.82 -4.92 16.78
CA ARG A 52 4.26 -4.88 17.10
C ARG A 52 5.13 -4.73 15.85
N LEU A 53 4.77 -5.45 14.79
CA LEU A 53 5.51 -5.38 13.52
C LEU A 53 5.51 -3.98 12.92
N MET A 54 4.37 -3.30 12.98
CA MET A 54 4.27 -1.94 12.43
C MET A 54 5.11 -0.95 13.26
N VAL A 55 5.06 -1.10 14.58
CA VAL A 55 5.89 -0.25 15.45
C VAL A 55 7.39 -0.44 15.18
N ILE A 56 7.85 -1.68 15.23
CA ILE A 56 9.22 -1.99 14.88
C ILE A 56 9.59 -1.50 13.48
N GLY A 57 8.73 -1.75 12.51
CA GLY A 57 9.03 -1.29 11.15
C GLY A 57 9.30 0.21 11.13
N TYR A 58 8.46 1.00 11.79
CA TYR A 58 8.55 2.45 11.70
C TYR A 58 9.52 3.06 12.69
N GLU A 59 9.76 2.38 13.80
CA GLU A 59 10.64 2.88 14.86
C GLU A 59 12.09 2.44 14.64
N ASP A 60 12.29 1.13 14.52
CA ASP A 60 13.63 0.57 14.46
C ASP A 60 14.21 0.54 13.04
N ILE A 61 13.36 0.83 12.06
CA ILE A 61 13.71 0.85 10.64
C ILE A 61 12.93 2.05 10.04
N ASN A 65 15.71 2.32 5.78
CA ASN A 65 14.96 1.51 4.82
C ASN A 65 13.46 1.84 4.89
N PRO A 66 13.06 2.99 4.32
CA PRO A 66 11.67 3.45 4.44
C PRO A 66 10.67 2.60 3.62
N ALA A 67 11.17 1.91 2.60
CA ALA A 67 10.39 0.95 1.83
C ALA A 67 10.08 -0.26 2.68
N ALA A 68 11.06 -0.70 3.46
CA ALA A 68 10.85 -1.79 4.38
C ALA A 68 9.83 -1.40 5.44
N ALA A 69 9.87 -0.16 5.90
CA ALA A 69 8.85 0.32 6.84
C ALA A 69 7.43 0.23 6.24
N ALA A 70 7.27 0.77 5.04
CA ALA A 70 5.99 0.76 4.34
C ALA A 70 5.47 -0.65 4.06
N ARG A 71 6.38 -1.55 3.71
CA ARG A 71 6.02 -2.93 3.37
C ARG A 71 5.47 -3.77 4.52
N THR A 72 5.67 -3.30 5.74
CA THR A 72 5.06 -3.97 6.89
C THR A 72 3.56 -3.73 6.88
N VAL A 73 3.16 -2.57 6.36
CA VAL A 73 1.75 -2.28 6.26
C VAL A 73 1.08 -3.27 5.26
N ASN A 74 1.65 -3.42 4.07
CA ASN A 74 1.14 -4.42 3.09
C ASN A 74 1.02 -5.81 3.70
N ALA A 75 2.10 -6.28 4.31
CA ALA A 75 2.08 -7.58 5.00
C ALA A 75 0.96 -7.71 6.01
N VAL A 76 0.73 -6.65 6.81
CA VAL A 76 -0.31 -6.63 7.86
C VAL A 76 -1.71 -6.66 7.23
N LEU A 77 -1.89 -5.88 6.18
CA LEU A 77 -3.11 -5.93 5.39
C LEU A 77 -3.36 -7.35 4.88
N ALA A 78 -2.35 -7.96 4.27
CA ALA A 78 -2.47 -9.35 3.77
C ALA A 78 -2.85 -10.28 4.91
N ALA A 79 -2.16 -10.13 6.05
CA ALA A 79 -2.44 -10.95 7.22
C ALA A 79 -3.89 -10.80 7.69
N GLU A 80 -4.35 -9.55 7.79
CA GLU A 80 -5.74 -9.25 8.21
C GLU A 80 -6.81 -9.77 7.25
N LYS A 81 -6.57 -9.62 5.94
CA LYS A 81 -7.48 -10.15 4.90
C LYS A 81 -7.53 -11.68 4.89
N LEU A 82 -6.37 -12.31 5.03
CA LEU A 82 -6.28 -13.77 5.05
C LEU A 82 -6.83 -14.33 6.37
N GLY A 83 -6.54 -13.67 7.49
CA GLY A 83 -6.91 -14.20 8.80
C GLY A 83 -6.01 -15.36 9.14
N LEU A 84 -6.04 -15.83 10.38
CA LEU A 84 -5.31 -17.03 10.75
C LEU A 84 -6.10 -18.24 10.22
N PRO A 85 -5.39 -19.32 9.80
CA PRO A 85 -3.96 -19.57 9.96
C PRO A 85 -3.03 -19.03 8.85
N GLU A 86 -3.58 -18.73 7.68
CA GLU A 86 -2.75 -18.35 6.53
C GLU A 86 -2.02 -17.04 6.68
N ALA A 87 -2.51 -16.18 7.59
CA ALA A 87 -1.85 -14.94 7.96
C ALA A 87 -0.44 -15.17 8.39
N ARG A 88 -0.11 -16.36 8.91
CA ARG A 88 1.27 -16.60 9.36
C ARG A 88 2.25 -16.37 8.21
N ILE A 89 1.78 -16.59 6.98
CA ILE A 89 2.65 -16.53 5.80
C ILE A 89 3.24 -15.11 5.53
N PRO A 90 2.40 -14.09 5.28
CA PRO A 90 2.97 -12.75 5.17
C PRO A 90 3.70 -12.30 6.42
N LEU A 91 3.19 -12.67 7.59
CA LEU A 91 3.83 -12.33 8.86
C LEU A 91 5.29 -12.87 8.99
N ALA A 92 5.48 -14.17 8.72
CA ALA A 92 6.82 -14.77 8.76
C ALA A 92 7.75 -14.04 7.81
N ASP A 93 7.21 -13.69 6.64
CA ASP A 93 7.96 -12.96 5.66
C ASP A 93 8.45 -11.58 6.10
N VAL A 94 7.61 -10.84 6.79
CA VAL A 94 8.07 -9.52 7.23
C VAL A 94 8.95 -9.61 8.49
N VAL A 95 8.69 -10.60 9.35
CA VAL A 95 9.63 -10.90 10.43
C VAL A 95 11.06 -11.09 9.86
N VAL A 96 11.24 -11.97 8.88
CA VAL A 96 12.56 -12.15 8.28
C VAL A 96 13.10 -10.84 7.67
N ASP A 97 12.28 -10.20 6.87
CA ASP A 97 12.64 -8.90 6.26
C ASP A 97 13.18 -7.92 7.30
N LEU A 98 12.45 -7.74 8.41
CA LEU A 98 12.81 -6.75 9.45
C LEU A 98 14.05 -7.14 10.24
N CYS A 99 14.17 -8.43 10.53
CA CYS A 99 15.39 -9.01 11.09
C CYS A 99 16.65 -8.69 10.26
N LEU A 100 16.63 -9.03 8.97
CA LEU A 100 17.82 -8.84 8.12
C LEU A 100 18.12 -7.38 7.68
N SER A 101 17.13 -6.51 7.82
CA SER A 101 17.24 -5.10 7.49
C SER A 101 18.27 -4.39 8.38
N PRO A 102 18.88 -3.29 7.89
CA PRO A 102 19.64 -2.32 8.72
C PRO A 102 19.03 -2.08 10.12
N TYR B 15 -2.71 32.25 11.38
CA TYR B 15 -1.90 31.29 12.23
C TYR B 15 -2.72 30.24 12.99
N ASP B 16 -2.41 28.99 12.68
CA ASP B 16 -2.71 27.87 13.58
C ASP B 16 -1.62 26.79 13.46
N VAL B 17 -1.56 25.92 14.47
CA VAL B 17 -0.61 24.82 14.53
C VAL B 17 -0.58 23.93 13.25
N ILE B 18 -1.74 23.49 12.75
CA ILE B 18 -1.76 22.55 11.62
C ILE B 18 -1.15 23.17 10.34
N SER B 19 -1.44 24.45 10.07
CA SER B 19 -0.79 25.17 8.95
C SER B 19 0.70 25.40 9.16
N ALA B 20 1.11 25.80 10.37
CA ALA B 20 2.53 25.97 10.61
C ALA B 20 3.27 24.63 10.48
N PHE B 21 2.71 23.54 11.02
CA PHE B 21 3.18 22.14 10.74
C PHE B 21 3.47 21.93 9.27
N GLN B 22 2.49 22.23 8.41
CA GLN B 22 2.62 22.11 6.96
C GLN B 22 3.70 23.00 6.37
N LYS B 23 3.73 24.26 6.80
CA LYS B 23 4.76 25.18 6.33
C LYS B 23 6.18 24.70 6.68
N SER B 24 6.36 24.26 7.92
CA SER B 24 7.66 23.76 8.35
C SER B 24 8.10 22.53 7.56
N ILE B 25 7.13 21.71 7.11
CA ILE B 25 7.46 20.54 6.26
C ILE B 25 7.79 21.00 4.83
N ARG B 26 7.01 21.93 4.29
CA ARG B 26 7.34 22.56 3.01
C ARG B 26 8.74 23.20 3.02
N GLY B 27 9.11 23.80 4.14
CA GLY B 27 10.44 24.39 4.33
C GLY B 27 11.56 23.45 4.73
N SER B 28 11.27 22.14 4.77
CA SER B 28 12.26 21.10 5.07
C SER B 28 12.81 21.18 6.49
N ASP B 29 12.02 21.76 7.38
CA ASP B 29 12.45 21.96 8.75
C ASP B 29 11.98 20.83 9.67
N VAL B 30 12.80 19.79 9.76
CA VAL B 30 12.55 18.65 10.63
C VAL B 30 12.26 19.04 12.10
N ASP B 31 13.14 19.85 12.69
CA ASP B 31 13.02 20.20 14.11
C ASP B 31 11.68 20.85 14.44
N ALA B 32 11.26 21.80 13.62
CA ALA B 32 9.99 22.49 13.81
C ALA B 32 8.82 21.55 13.51
N ALA B 33 8.94 20.72 12.48
CA ALA B 33 7.85 19.83 12.07
C ALA B 33 7.54 18.85 13.17
N LEU B 34 8.58 18.33 13.83
CA LEU B 34 8.42 17.44 14.96
C LEU B 34 7.96 18.09 16.27
N HIS B 35 8.36 19.35 16.48
CA HIS B 35 7.82 20.15 17.57
C HIS B 35 6.31 20.25 17.42
N TYR B 36 5.84 20.61 16.24
CA TYR B 36 4.42 20.71 15.96
C TYR B 36 3.73 19.37 15.98
N LEU B 37 4.36 18.34 15.42
CA LEU B 37 3.77 17.01 15.46
C LEU B 37 3.47 16.61 16.88
N ALA B 38 4.42 16.84 17.79
CA ALA B 38 4.25 16.47 19.21
C ALA B 38 3.06 17.14 19.83
N ARG B 39 2.84 18.38 19.45
CA ARG B 39 1.73 19.14 19.97
C ARG B 39 0.45 18.62 19.38
N LEU B 40 0.47 18.26 18.10
CA LEU B 40 -0.75 17.76 17.43
C LEU B 40 -1.16 16.41 18.00
N VAL B 41 -0.16 15.57 18.25
CA VAL B 41 -0.32 14.25 18.87
C VAL B 41 -0.93 14.39 20.29
N GLU B 42 -0.30 15.22 21.13
CA GLU B 42 -0.80 15.47 22.48
C GLU B 42 -2.23 16.05 22.48
N ALA B 43 -2.59 16.86 21.48
CA ALA B 43 -3.98 17.35 21.34
C ALA B 43 -4.95 16.26 20.81
N GLY B 44 -4.40 15.18 20.26
CA GLY B 44 -5.14 13.96 19.95
C GLY B 44 -6.11 13.86 18.77
N ASP B 45 -6.08 14.80 17.81
CA ASP B 45 -6.91 14.67 16.60
C ASP B 45 -6.09 14.07 15.44
N LEU B 46 -6.06 12.75 15.40
CA LEU B 46 -5.25 12.00 14.46
C LEU B 46 -5.70 12.23 13.00
N ALA B 47 -7.00 12.36 12.80
CA ALA B 47 -7.58 12.54 11.46
C ALA B 47 -6.95 13.75 10.75
N SER B 48 -6.85 14.89 11.44
CA SER B 48 -6.36 16.08 10.73
C SER B 48 -4.85 16.03 10.45
N ILE B 49 -4.09 15.37 11.33
CA ILE B 49 -2.67 15.11 11.05
C ILE B 49 -2.55 14.25 9.78
N CYS B 50 -3.24 13.12 9.77
CA CYS B 50 -3.27 12.18 8.65
C CYS B 50 -3.68 12.85 7.35
N ARG B 51 -4.82 13.54 7.35
CA ARG B 51 -5.28 14.34 6.19
C ARG B 51 -4.20 15.28 5.69
N ARG B 52 -3.64 16.08 6.60
CA ARG B 52 -2.60 17.02 6.22
C ARG B 52 -1.36 16.39 5.59
N LEU B 53 -0.86 15.31 6.20
CA LEU B 53 0.32 14.62 5.69
C LEU B 53 0.12 14.04 4.28
N MET B 54 -1.09 13.57 3.97
CA MET B 54 -1.42 13.05 2.62
C MET B 54 -1.44 14.21 1.59
N VAL B 55 -2.00 15.35 1.99
CA VAL B 55 -2.03 16.49 1.05
C VAL B 55 -0.60 16.90 0.80
N ILE B 56 0.19 17.07 1.87
CA ILE B 56 1.61 17.43 1.71
C ILE B 56 2.39 16.42 0.86
N GLY B 57 2.32 15.14 1.22
CA GLY B 57 2.93 14.09 0.41
C GLY B 57 2.61 14.17 -1.08
N TYR B 58 1.35 14.48 -1.41
CA TYR B 58 0.94 14.56 -2.80
C TYR B 58 1.13 15.93 -3.46
N GLU B 59 1.00 17.00 -2.68
CA GLU B 59 0.98 18.33 -3.22
C GLU B 59 2.37 18.90 -3.27
N ASP B 60 3.08 18.78 -2.14
CA ASP B 60 4.39 19.40 -1.98
C ASP B 60 5.57 18.51 -2.33
N ILE B 61 5.42 17.18 -2.24
CA ILE B 61 6.53 16.26 -2.51
C ILE B 61 6.27 15.52 -3.81
N ASN B 65 8.95 13.10 -5.65
CA ASN B 65 9.29 11.79 -5.13
C ASN B 65 8.02 10.93 -4.98
N PRO B 66 7.69 10.14 -6.02
CA PRO B 66 6.35 9.53 -6.03
C PRO B 66 6.26 8.32 -5.09
N ALA B 67 7.42 7.73 -4.78
CA ALA B 67 7.53 6.66 -3.81
C ALA B 67 7.30 7.25 -2.43
N ALA B 68 7.74 8.49 -2.22
CA ALA B 68 7.54 9.16 -0.96
C ALA B 68 6.07 9.52 -0.79
N ALA B 69 5.46 10.00 -1.86
CA ALA B 69 4.03 10.31 -1.84
C ALA B 69 3.23 9.06 -1.46
N ALA B 70 3.47 7.96 -2.16
CA ALA B 70 2.78 6.68 -1.93
C ALA B 70 2.95 6.23 -0.48
N ARG B 71 4.17 6.34 0.03
CA ARG B 71 4.51 5.92 1.38
C ARG B 71 3.79 6.64 2.47
N THR B 72 3.36 7.87 2.21
CA THR B 72 2.57 8.61 3.18
C THR B 72 1.24 7.89 3.51
N VAL B 73 0.69 7.19 2.52
CA VAL B 73 -0.54 6.43 2.70
C VAL B 73 -0.31 5.20 3.61
N ASN B 74 0.76 4.46 3.37
CA ASN B 74 1.12 3.35 4.26
C ASN B 74 1.27 3.78 5.72
N ALA B 75 1.94 4.91 5.93
CA ALA B 75 2.19 5.49 7.26
C ALA B 75 0.91 5.95 7.96
N VAL B 76 0.00 6.53 7.19
CA VAL B 76 -1.34 6.90 7.68
C VAL B 76 -2.20 5.68 8.06
N LEU B 77 -2.25 4.66 7.21
CA LEU B 77 -2.92 3.38 7.61
C LEU B 77 -2.32 2.78 8.90
N ALA B 78 -1.00 2.78 8.99
CA ALA B 78 -0.31 2.31 10.21
C ALA B 78 -0.70 3.18 11.42
N ALA B 79 -0.68 4.51 11.24
CA ALA B 79 -1.10 5.42 12.31
C ALA B 79 -2.53 5.15 12.71
N GLU B 80 -3.41 4.96 11.73
CA GLU B 80 -4.82 4.66 12.02
C GLU B 80 -5.07 3.32 12.72
N LYS B 81 -4.30 2.29 12.33
CA LYS B 81 -4.41 0.97 12.95
C LYS B 81 -3.84 1.00 14.36
N LEU B 82 -2.74 1.71 14.55
CA LEU B 82 -2.15 1.81 15.87
C LEU B 82 -3.00 2.69 16.78
N GLY B 83 -3.44 3.84 16.25
CA GLY B 83 -4.10 4.81 17.10
C GLY B 83 -3.08 5.57 17.95
N LEU B 84 -3.53 6.69 18.51
CA LEU B 84 -2.73 7.43 19.47
C LEU B 84 -2.76 6.66 20.79
N PRO B 85 -1.63 6.65 21.54
CA PRO B 85 -0.36 7.38 21.31
C PRO B 85 0.67 6.79 20.31
N GLU B 86 0.66 5.47 20.08
CA GLU B 86 1.69 4.81 19.23
C GLU B 86 1.72 5.26 17.77
N ALA B 87 0.61 5.82 17.30
CA ALA B 87 0.53 6.40 15.95
C ALA B 87 1.63 7.40 15.71
N ARG B 88 2.19 7.99 16.77
CA ARG B 88 3.23 9.03 16.63
C ARG B 88 4.50 8.47 15.97
N ILE B 89 4.66 7.15 16.01
CA ILE B 89 5.84 6.49 15.44
C ILE B 89 5.84 6.53 13.89
N PRO B 90 4.81 5.97 13.22
CA PRO B 90 4.80 6.13 11.77
C PRO B 90 4.77 7.58 11.28
N LEU B 91 4.00 8.41 11.97
CA LEU B 91 3.87 9.83 11.68
C LEU B 91 5.19 10.59 11.82
N ALA B 92 5.95 10.35 12.89
CA ALA B 92 7.27 10.97 13.01
C ALA B 92 8.17 10.57 11.85
N ASP B 93 8.18 9.29 11.55
CA ASP B 93 8.91 8.75 10.41
C ASP B 93 8.57 9.46 9.10
N VAL B 94 7.28 9.59 8.82
CA VAL B 94 6.79 10.24 7.62
C VAL B 94 7.12 11.73 7.53
N VAL B 95 6.94 12.43 8.64
CA VAL B 95 7.34 13.83 8.76
C VAL B 95 8.81 14.00 8.35
N VAL B 96 9.73 13.24 8.96
CA VAL B 96 11.14 13.40 8.59
C VAL B 96 11.37 13.00 7.12
N ASP B 97 10.75 11.90 6.70
CA ASP B 97 10.76 11.49 5.30
C ASP B 97 10.34 12.64 4.37
N LEU B 98 9.20 13.25 4.67
CA LEU B 98 8.70 14.33 3.84
C LEU B 98 9.54 15.60 3.93
N CYS B 99 10.23 15.80 5.06
CA CYS B 99 11.15 16.96 5.22
C CYS B 99 12.42 16.82 4.39
N LEU B 100 13.02 15.64 4.38
CA LEU B 100 14.31 15.41 3.70
C LEU B 100 14.18 15.16 2.18
N SER B 101 12.95 15.19 1.70
CA SER B 101 12.61 14.79 0.33
C SER B 101 12.69 16.01 -0.59
N PRO B 102 13.16 15.80 -1.85
CA PRO B 102 13.27 16.78 -2.94
C PRO B 102 12.18 17.87 -3.00
N TYR C 15 -18.10 9.35 -27.74
CA TYR C 15 -17.45 10.48 -26.96
C TYR C 15 -18.13 10.79 -25.63
N ASP C 16 -17.33 10.78 -24.57
CA ASP C 16 -17.71 11.35 -23.26
C ASP C 16 -16.40 11.75 -22.56
N VAL C 17 -16.54 12.56 -21.53
CA VAL C 17 -15.39 13.08 -20.81
C VAL C 17 -14.48 11.95 -20.30
N ILE C 18 -15.06 10.96 -19.62
CA ILE C 18 -14.27 9.91 -18.96
C ILE C 18 -13.39 9.08 -19.90
N SER C 19 -13.94 8.70 -21.05
CA SER C 19 -13.15 7.94 -22.01
C SER C 19 -12.10 8.86 -22.66
N ALA C 20 -12.49 10.09 -22.96
CA ALA C 20 -11.55 11.11 -23.48
C ALA C 20 -10.40 11.33 -22.50
N PHE C 21 -10.72 11.39 -21.21
CA PHE C 21 -9.76 11.42 -20.10
C PHE C 21 -8.77 10.27 -20.21
N GLN C 22 -9.29 9.06 -20.39
CA GLN C 22 -8.49 7.87 -20.52
C GLN C 22 -7.58 7.91 -21.75
N LYS C 23 -8.19 8.26 -22.89
CA LYS C 23 -7.44 8.39 -24.15
C LYS C 23 -6.27 9.35 -24.04
N SER C 24 -6.47 10.49 -23.39
CA SER C 24 -5.41 11.47 -23.34
C SER C 24 -4.30 11.04 -22.40
N ILE C 25 -4.62 10.26 -21.36
CA ILE C 25 -3.57 9.63 -20.51
C ILE C 25 -2.84 8.55 -21.31
N ARG C 26 -3.58 7.70 -22.03
CA ARG C 26 -2.98 6.71 -22.91
C ARG C 26 -2.05 7.33 -23.98
N GLY C 27 -2.35 8.57 -24.41
CA GLY C 27 -1.58 9.30 -25.42
C GLY C 27 -0.51 10.20 -24.80
N SER C 28 -0.32 10.09 -23.49
CA SER C 28 0.75 10.82 -22.79
C SER C 28 0.56 12.36 -22.77
N ASP C 29 -0.70 12.79 -22.87
CA ASP C 29 -0.99 14.21 -22.96
C ASP C 29 -1.40 14.76 -21.61
N VAL C 30 -0.40 15.22 -20.85
CA VAL C 30 -0.62 15.79 -19.52
C VAL C 30 -1.67 16.92 -19.45
N ASP C 31 -1.58 17.89 -20.36
CA ASP C 31 -2.49 19.06 -20.33
C ASP C 31 -3.94 18.69 -20.55
N ALA C 32 -4.21 17.86 -21.53
CA ALA C 32 -5.57 17.42 -21.82
C ALA C 32 -6.10 16.56 -20.67
N ALA C 33 -5.27 15.67 -20.15
CA ALA C 33 -5.68 14.80 -19.04
C ALA C 33 -6.04 15.65 -17.82
N LEU C 34 -5.19 16.61 -17.48
CA LEU C 34 -5.52 17.55 -16.40
C LEU C 34 -6.76 18.42 -16.64
N HIS C 35 -6.98 18.80 -17.90
CA HIS C 35 -8.21 19.50 -18.29
C HIS C 35 -9.44 18.62 -18.06
N TYR C 36 -9.39 17.36 -18.49
CA TYR C 36 -10.49 16.44 -18.20
C TYR C 36 -10.65 16.16 -16.68
N LEU C 37 -9.55 15.98 -15.95
CA LEU C 37 -9.64 15.75 -14.51
C LEU C 37 -10.39 16.87 -13.82
N ALA C 38 -10.00 18.12 -14.08
CA ALA C 38 -10.65 19.28 -13.45
C ALA C 38 -12.13 19.25 -13.71
N ARG C 39 -12.51 18.85 -14.92
CA ARG C 39 -13.93 18.67 -15.19
C ARG C 39 -14.60 17.50 -14.47
N LEU C 40 -13.88 16.40 -14.29
CA LEU C 40 -14.43 15.25 -13.59
C LEU C 40 -14.59 15.56 -12.10
N VAL C 41 -13.61 16.31 -11.59
CA VAL C 41 -13.64 16.83 -10.24
C VAL C 41 -14.86 17.76 -10.06
N GLU C 42 -15.05 18.74 -10.96
CA GLU C 42 -16.20 19.66 -10.95
C GLU C 42 -17.53 18.89 -10.82
N ALA C 43 -17.67 17.81 -11.59
CA ALA C 43 -18.88 16.98 -11.59
C ALA C 43 -19.14 16.16 -10.31
N GLY C 44 -18.12 15.98 -9.48
CA GLY C 44 -18.27 15.35 -8.17
C GLY C 44 -18.31 13.84 -8.05
N ASP C 45 -17.95 13.12 -9.11
CA ASP C 45 -17.99 11.64 -9.04
C ASP C 45 -16.59 11.03 -8.93
N LEU C 46 -16.10 10.92 -7.69
CA LEU C 46 -14.77 10.40 -7.42
C LEU C 46 -14.58 8.94 -7.80
N ALA C 47 -15.56 8.10 -7.46
CA ALA C 47 -15.48 6.66 -7.73
C ALA C 47 -15.10 6.35 -9.18
N SER C 48 -15.72 7.08 -10.13
CA SER C 48 -15.42 6.90 -11.57
C SER C 48 -14.00 7.27 -11.99
N ILE C 49 -13.47 8.34 -11.40
CA ILE C 49 -12.11 8.72 -11.67
C ILE C 49 -11.22 7.57 -11.18
N CYS C 50 -11.38 7.27 -9.89
CA CYS C 50 -10.64 6.20 -9.24
C CYS C 50 -10.66 4.90 -10.00
N ARG C 51 -11.84 4.40 -10.39
CA ARG C 51 -11.92 3.21 -11.25
C ARG C 51 -11.02 3.31 -12.50
N ARG C 52 -11.22 4.38 -13.28
CA ARG C 52 -10.48 4.56 -14.55
C ARG C 52 -8.98 4.56 -14.35
N LEU C 53 -8.51 5.39 -13.40
CA LEU C 53 -7.08 5.42 -13.03
C LEU C 53 -6.45 4.05 -12.71
N MET C 54 -7.16 3.23 -11.95
CA MET C 54 -6.63 1.91 -11.58
C MET C 54 -6.49 1.01 -12.82
N VAL C 55 -7.50 1.09 -13.69
CA VAL C 55 -7.49 0.30 -14.94
C VAL C 55 -6.35 0.77 -15.84
N ILE C 56 -6.24 2.08 -16.07
CA ILE C 56 -5.15 2.57 -16.92
C ILE C 56 -3.81 2.13 -16.34
N GLY C 57 -3.61 2.40 -15.06
CA GLY C 57 -2.37 2.03 -14.39
C GLY C 57 -2.07 0.54 -14.51
N TYR C 58 -3.10 -0.31 -14.44
CA TYR C 58 -2.88 -1.76 -14.55
C TYR C 58 -2.87 -2.31 -15.99
N GLU C 59 -3.76 -1.80 -16.85
CA GLU C 59 -3.89 -2.22 -18.26
C GLU C 59 -2.81 -1.59 -19.15
N ASP C 60 -2.71 -0.27 -19.11
CA ASP C 60 -1.74 0.48 -19.95
C ASP C 60 -0.28 0.56 -19.41
N ILE C 61 -0.13 0.54 -18.09
CA ILE C 61 1.20 0.44 -17.45
C ILE C 61 1.18 -0.93 -16.75
N ASN C 65 6.10 0.42 -15.52
CA ASN C 65 6.49 0.05 -14.15
C ASN C 65 5.33 -0.64 -13.39
N PRO C 66 5.58 -1.84 -12.82
CA PRO C 66 4.57 -2.44 -11.93
C PRO C 66 4.44 -1.62 -10.64
N ALA C 67 5.54 -0.93 -10.28
CA ALA C 67 5.55 0.01 -9.16
C ALA C 67 4.67 1.21 -9.43
N ALA C 68 4.61 1.67 -10.67
CA ALA C 68 3.72 2.77 -11.01
C ALA C 68 2.26 2.29 -10.95
N ALA C 69 2.06 1.00 -11.18
CA ALA C 69 0.71 0.42 -11.16
C ALA C 69 0.23 0.37 -9.73
N ALA C 70 1.04 -0.20 -8.85
CA ALA C 70 0.72 -0.33 -7.42
C ALA C 70 0.43 1.03 -6.82
N ARG C 71 1.32 1.96 -7.13
CA ARG C 71 1.32 3.31 -6.58
C ARG C 71 0.06 4.12 -6.92
N THR C 72 -0.66 3.70 -7.95
CA THR C 72 -2.00 4.22 -8.26
C THR C 72 -3.07 3.83 -7.24
N VAL C 73 -2.95 2.62 -6.69
CA VAL C 73 -3.80 2.22 -5.56
C VAL C 73 -3.62 3.12 -4.32
N ASN C 74 -2.38 3.45 -3.97
CA ASN C 74 -2.13 4.39 -2.85
C ASN C 74 -2.74 5.76 -3.10
N ALA C 75 -2.52 6.30 -4.29
CA ALA C 75 -3.14 7.57 -4.70
C ALA C 75 -4.65 7.52 -4.54
N VAL C 76 -5.27 6.43 -5.02
CA VAL C 76 -6.72 6.22 -4.89
C VAL C 76 -7.15 6.14 -3.42
N LEU C 77 -6.39 5.44 -2.59
CA LEU C 77 -6.72 5.36 -1.15
C LEU C 77 -6.72 6.77 -0.53
N ALA C 78 -5.66 7.53 -0.84
CA ALA C 78 -5.58 8.93 -0.37
C ALA C 78 -6.77 9.72 -0.90
N ALA C 79 -7.05 9.60 -2.20
CA ALA C 79 -8.19 10.30 -2.78
C ALA C 79 -9.50 10.02 -2.03
N GLU C 80 -9.79 8.73 -1.75
CA GLU C 80 -11.02 8.36 -0.99
C GLU C 80 -10.99 8.81 0.46
N LYS C 81 -9.82 8.68 1.09
CA LYS C 81 -9.71 9.12 2.47
C LYS C 81 -9.96 10.61 2.56
N LEU C 82 -9.39 11.40 1.63
CA LEU C 82 -9.56 12.85 1.66
C LEU C 82 -10.93 13.34 1.18
N GLY C 83 -11.48 12.68 0.16
CA GLY C 83 -12.72 13.13 -0.51
C GLY C 83 -12.43 14.33 -1.38
N LEU C 84 -13.35 14.67 -2.27
CA LEU C 84 -13.20 15.91 -3.00
C LEU C 84 -13.66 17.02 -2.03
N PRO C 85 -13.20 18.27 -2.26
CA PRO C 85 -12.28 18.72 -3.30
C PRO C 85 -10.82 18.28 -3.21
N GLU C 86 -10.30 18.05 -1.99
CA GLU C 86 -8.84 17.82 -1.81
C GLU C 86 -8.31 16.54 -2.44
N ALA C 87 -9.18 15.55 -2.67
CA ALA C 87 -8.83 14.37 -3.46
C ALA C 87 -8.20 14.70 -4.81
N ARG C 88 -8.47 15.90 -5.38
CA ARG C 88 -7.87 16.35 -6.63
C ARG C 88 -6.33 16.37 -6.59
N ILE C 89 -5.77 16.52 -5.40
CA ILE C 89 -4.32 16.55 -5.23
C ILE C 89 -3.61 15.21 -5.55
N PRO C 90 -3.95 14.10 -4.85
CA PRO C 90 -3.36 12.83 -5.32
C PRO C 90 -3.75 12.41 -6.74
N LEU C 91 -4.98 12.66 -7.13
CA LEU C 91 -5.43 12.37 -8.50
C LEU C 91 -4.59 13.06 -9.58
N ALA C 92 -4.33 14.37 -9.44
CA ALA C 92 -3.43 15.10 -10.38
C ALA C 92 -2.04 14.49 -10.41
N ASP C 93 -1.48 14.20 -9.24
CA ASP C 93 -0.24 13.46 -9.17
C ASP C 93 -0.23 12.17 -9.97
N VAL C 94 -1.25 11.34 -9.83
CA VAL C 94 -1.32 10.06 -10.57
C VAL C 94 -1.49 10.24 -12.07
N VAL C 95 -2.38 11.15 -12.47
CA VAL C 95 -2.56 11.51 -13.87
C VAL C 95 -1.21 11.87 -14.54
N VAL C 96 -0.46 12.81 -13.93
CA VAL C 96 0.88 13.16 -14.41
C VAL C 96 1.83 11.96 -14.37
N ASP C 97 1.94 11.33 -13.21
CA ASP C 97 2.70 10.08 -13.06
C ASP C 97 2.44 9.15 -14.26
N LEU C 98 1.17 8.76 -14.46
CA LEU C 98 0.76 7.87 -15.57
C LEU C 98 0.98 8.39 -16.98
N CYS C 99 0.84 9.71 -17.16
CA CYS C 99 1.13 10.33 -18.45
C CYS C 99 2.58 10.12 -18.90
N LEU C 100 3.52 10.10 -17.95
CA LEU C 100 4.94 9.91 -18.27
C LEU C 100 5.55 8.56 -17.83
N TYR D 15 -6.59 -32.63 -7.64
CA TYR D 15 -6.64 -31.62 -8.75
C TYR D 15 -7.88 -30.69 -8.70
N ASP D 16 -7.60 -29.39 -8.55
CA ASP D 16 -8.58 -28.36 -8.84
C ASP D 16 -7.85 -27.26 -9.60
N VAL D 17 -8.58 -26.35 -10.24
CA VAL D 17 -7.90 -25.30 -11.00
C VAL D 17 -7.07 -24.31 -10.17
N ILE D 18 -7.57 -23.87 -9.00
CA ILE D 18 -6.88 -22.89 -8.17
C ILE D 18 -5.50 -23.43 -7.66
N SER D 19 -5.41 -24.71 -7.33
CA SER D 19 -4.09 -25.27 -7.03
C SER D 19 -3.19 -25.38 -8.27
N ALA D 20 -3.77 -25.71 -9.42
CA ALA D 20 -3.00 -25.84 -10.66
C ALA D 20 -2.50 -24.44 -11.07
N PHE D 21 -3.38 -23.44 -10.90
CA PHE D 21 -3.02 -22.01 -11.04
C PHE D 21 -1.80 -21.65 -10.17
N GLN D 22 -1.87 -22.00 -8.88
CA GLN D 22 -0.77 -21.82 -7.96
C GLN D 22 0.54 -22.47 -8.43
N LYS D 23 0.47 -23.76 -8.77
CA LYS D 23 1.61 -24.46 -9.36
C LYS D 23 2.22 -23.77 -10.58
N SER D 24 1.40 -23.33 -11.53
CA SER D 24 1.90 -22.63 -12.73
C SER D 24 2.73 -21.40 -12.40
N ILE D 25 2.31 -20.67 -11.38
CA ILE D 25 2.97 -19.44 -10.96
C ILE D 25 4.29 -19.80 -10.32
N ARG D 26 4.25 -20.74 -9.38
CA ARG D 26 5.47 -21.35 -8.81
C ARG D 26 6.48 -21.78 -9.87
N GLY D 27 5.99 -22.45 -10.93
CA GLY D 27 6.84 -22.87 -12.06
C GLY D 27 7.13 -21.78 -13.09
N SER D 28 6.77 -20.53 -12.79
CA SER D 28 7.09 -19.35 -13.64
C SER D 28 6.50 -19.41 -15.04
N ASP D 29 5.38 -20.13 -15.18
CA ASP D 29 4.74 -20.31 -16.47
C ASP D 29 3.61 -19.31 -16.69
N VAL D 30 3.95 -18.17 -17.25
CA VAL D 30 2.99 -17.13 -17.63
C VAL D 30 1.72 -17.63 -18.37
N ASP D 31 1.89 -18.35 -19.48
CA ASP D 31 0.75 -18.79 -20.31
C ASP D 31 -0.23 -19.68 -19.56
N ALA D 32 0.28 -20.68 -18.86
CA ALA D 32 -0.59 -21.55 -18.05
C ALA D 32 -1.32 -20.75 -16.97
N ALA D 33 -0.62 -19.84 -16.30
CA ALA D 33 -1.20 -19.10 -15.18
C ALA D 33 -2.32 -18.21 -15.67
N LEU D 34 -2.12 -17.55 -16.81
CA LEU D 34 -3.15 -16.74 -17.45
C LEU D 34 -4.25 -17.55 -18.06
N HIS D 35 -3.94 -18.76 -18.55
CA HIS D 35 -4.98 -19.72 -18.96
C HIS D 35 -5.95 -19.94 -17.81
N TYR D 36 -5.41 -20.29 -16.64
CA TYR D 36 -6.16 -20.59 -15.42
C TYR D 36 -6.87 -19.38 -14.84
N LEU D 37 -6.19 -18.23 -14.79
CA LEU D 37 -6.80 -17.02 -14.28
C LEU D 37 -8.09 -16.69 -15.03
N ALA D 38 -8.04 -16.73 -16.37
CA ALA D 38 -9.20 -16.41 -17.19
C ALA D 38 -10.38 -17.30 -16.84
N ARG D 39 -10.12 -18.56 -16.60
CA ARG D 39 -11.16 -19.49 -16.16
C ARG D 39 -11.69 -19.17 -14.77
N LEU D 40 -10.80 -18.71 -13.89
CA LEU D 40 -11.18 -18.42 -12.52
C LEU D 40 -11.99 -17.13 -12.45
N VAL D 41 -11.58 -16.19 -13.30
CA VAL D 41 -12.26 -14.93 -13.50
C VAL D 41 -13.70 -15.17 -14.06
N GLU D 42 -13.82 -16.02 -15.10
CA GLU D 42 -15.11 -16.41 -15.64
C GLU D 42 -15.99 -17.08 -14.56
N ALA D 43 -15.47 -18.07 -13.84
CA ALA D 43 -16.21 -18.71 -12.76
C ALA D 43 -16.64 -17.69 -11.67
N GLY D 44 -15.74 -16.76 -11.31
CA GLY D 44 -16.12 -15.56 -10.59
C GLY D 44 -15.98 -15.52 -9.08
N ASP D 45 -15.28 -16.47 -8.46
CA ASP D 45 -14.99 -16.41 -7.02
C ASP D 45 -13.77 -15.49 -6.75
N LEU D 46 -13.99 -14.17 -6.78
CA LEU D 46 -12.89 -13.22 -6.65
C LEU D 46 -12.12 -13.41 -5.33
N ALA D 47 -12.82 -13.65 -4.23
CA ALA D 47 -12.20 -13.74 -2.92
C ALA D 47 -11.19 -14.86 -2.93
N SER D 48 -11.56 -15.99 -3.52
CA SER D 48 -10.66 -17.17 -3.58
C SER D 48 -9.41 -16.89 -4.42
N ILE D 49 -9.57 -16.18 -5.53
CA ILE D 49 -8.44 -15.79 -6.38
C ILE D 49 -7.49 -14.83 -5.62
N CYS D 50 -8.06 -13.79 -5.01
CA CYS D 50 -7.31 -12.85 -4.19
C CYS D 50 -6.58 -13.48 -3.03
N ARG D 51 -7.25 -14.33 -2.25
CA ARG D 51 -6.57 -15.01 -1.15
C ARG D 51 -5.36 -15.80 -1.63
N ARG D 52 -5.50 -16.57 -2.70
CA ARG D 52 -4.43 -17.40 -3.23
C ARG D 52 -3.24 -16.59 -3.75
N LEU D 53 -3.52 -15.51 -4.45
CA LEU D 53 -2.43 -14.66 -4.92
C LEU D 53 -1.65 -14.06 -3.75
N MET D 54 -2.32 -13.67 -2.65
CA MET D 54 -1.57 -13.14 -1.50
C MET D 54 -0.69 -14.21 -0.86
N VAL D 55 -1.24 -15.42 -0.76
CA VAL D 55 -0.46 -16.55 -0.21
C VAL D 55 0.74 -16.84 -1.14
N ILE D 56 0.50 -16.94 -2.44
CA ILE D 56 1.60 -17.12 -3.43
C ILE D 56 2.65 -15.99 -3.38
N GLY D 57 2.19 -14.76 -3.47
CA GLY D 57 3.05 -13.61 -3.25
C GLY D 57 3.96 -13.70 -2.04
N TYR D 58 3.43 -14.03 -0.86
CA TYR D 58 4.27 -14.08 0.36
C TYR D 58 5.01 -15.43 0.60
N GLU D 59 4.49 -16.53 0.05
CA GLU D 59 5.03 -17.86 0.28
C GLU D 59 6.14 -18.18 -0.73
N ASP D 60 5.83 -18.03 -2.03
CA ASP D 60 6.71 -18.47 -3.13
C ASP D 60 7.66 -17.40 -3.70
N ILE D 61 7.29 -16.12 -3.60
CA ILE D 61 8.16 -15.06 -4.08
C ILE D 61 8.97 -14.50 -2.91
N ASN D 65 12.16 -11.35 -3.70
CA ASN D 65 11.52 -10.11 -4.20
C ASN D 65 10.40 -9.50 -3.30
N PRO D 66 10.75 -8.94 -2.11
CA PRO D 66 9.76 -8.33 -1.19
C PRO D 66 8.84 -7.24 -1.78
N ALA D 67 9.31 -6.53 -2.79
CA ALA D 67 8.52 -5.49 -3.41
C ALA D 67 7.37 -6.11 -4.20
N ALA D 68 7.58 -7.33 -4.68
CA ALA D 68 6.61 -8.01 -5.52
C ALA D 68 5.57 -8.66 -4.63
N ALA D 69 6.00 -9.19 -3.49
CA ALA D 69 5.12 -9.71 -2.48
C ALA D 69 4.14 -8.60 -2.01
N ALA D 70 4.67 -7.40 -1.74
CA ALA D 70 3.89 -6.27 -1.24
C ALA D 70 2.93 -5.72 -2.29
N ARG D 71 3.30 -5.79 -3.56
CA ARG D 71 2.42 -5.34 -4.63
C ARG D 71 1.16 -6.20 -4.89
N THR D 72 1.17 -7.43 -4.43
CA THR D 72 0.01 -8.29 -4.56
C THR D 72 -1.11 -7.76 -3.73
N VAL D 73 -0.77 -7.06 -2.66
CA VAL D 73 -1.77 -6.45 -1.83
C VAL D 73 -2.41 -5.29 -2.57
N ASN D 74 -1.60 -4.45 -3.23
CA ASN D 74 -2.17 -3.34 -4.04
C ASN D 74 -3.11 -3.84 -5.12
N ALA D 75 -2.67 -4.85 -5.88
CA ALA D 75 -3.48 -5.46 -6.94
C ALA D 75 -4.82 -6.08 -6.45
N VAL D 76 -4.78 -6.75 -5.29
CA VAL D 76 -5.97 -7.32 -4.66
C VAL D 76 -6.95 -6.23 -4.21
N LEU D 77 -6.42 -5.17 -3.62
CA LEU D 77 -7.19 -3.98 -3.31
C LEU D 77 -7.79 -3.36 -4.56
N ALA D 78 -6.99 -3.19 -5.59
CA ALA D 78 -7.56 -2.71 -6.88
C ALA D 78 -8.63 -3.68 -7.38
N ALA D 79 -8.36 -4.99 -7.37
CA ALA D 79 -9.36 -5.99 -7.84
C ALA D 79 -10.66 -5.90 -7.06
N GLU D 80 -10.56 -5.72 -5.74
CA GLU D 80 -11.78 -5.64 -4.92
C GLU D 80 -12.56 -4.35 -5.18
N LYS D 81 -11.84 -3.25 -5.44
CA LYS D 81 -12.46 -1.97 -5.73
C LYS D 81 -13.15 -2.00 -7.08
N LEU D 82 -12.53 -2.64 -8.05
CA LEU D 82 -13.11 -2.69 -9.38
C LEU D 82 -14.28 -3.68 -9.47
N GLY D 83 -14.10 -4.81 -8.79
CA GLY D 83 -15.04 -5.93 -8.87
C GLY D 83 -14.91 -6.60 -10.22
N LEU D 84 -15.67 -7.66 -10.44
CA LEU D 84 -15.61 -8.35 -11.72
C LEU D 84 -16.65 -7.67 -12.59
N PRO D 85 -16.41 -7.59 -13.92
CA PRO D 85 -15.34 -8.24 -14.68
C PRO D 85 -13.95 -7.57 -14.69
N GLU D 86 -13.89 -6.30 -14.31
CA GLU D 86 -12.72 -5.46 -14.50
C GLU D 86 -11.53 -5.79 -13.58
N ALA D 87 -11.80 -6.43 -12.46
CA ALA D 87 -10.75 -6.99 -11.58
C ALA D 87 -9.73 -7.81 -12.33
N ARG D 88 -10.08 -8.40 -13.49
CA ARG D 88 -9.11 -9.24 -14.23
C ARG D 88 -7.84 -8.48 -14.68
N ILE D 89 -7.94 -7.17 -14.83
CA ILE D 89 -6.79 -6.33 -15.21
C ILE D 89 -5.65 -6.28 -14.14
N PRO D 90 -5.93 -5.80 -12.91
CA PRO D 90 -4.87 -5.95 -11.90
C PRO D 90 -4.43 -7.40 -11.65
N LEU D 91 -5.36 -8.34 -11.70
CA LEU D 91 -5.06 -9.75 -11.44
C LEU D 91 -4.07 -10.33 -12.46
N ALA D 92 -4.35 -10.10 -13.75
CA ALA D 92 -3.41 -10.47 -14.81
C ALA D 92 -2.06 -9.82 -14.63
N ASP D 93 -2.03 -8.53 -14.29
CA ASP D 93 -0.73 -7.89 -14.15
C ASP D 93 0.08 -8.59 -13.10
N VAL D 94 -0.56 -8.96 -11.99
CA VAL D 94 0.17 -9.54 -10.87
C VAL D 94 0.58 -10.97 -11.12
N VAL D 95 -0.31 -11.77 -11.71
CA VAL D 95 0.09 -13.13 -12.08
C VAL D 95 1.36 -13.06 -12.92
N VAL D 96 1.42 -12.12 -13.88
CA VAL D 96 2.64 -11.99 -14.69
C VAL D 96 3.83 -11.58 -13.83
N ASP D 97 3.61 -10.55 -13.02
CA ASP D 97 4.67 -10.05 -12.13
C ASP D 97 5.22 -11.19 -11.28
N LEU D 98 4.34 -12.01 -10.72
CA LEU D 98 4.78 -13.11 -9.86
C LEU D 98 5.44 -14.24 -10.64
N CYS D 99 4.98 -14.48 -11.87
CA CYS D 99 5.59 -15.50 -12.75
C CYS D 99 7.06 -15.19 -13.06
N LEU D 100 7.32 -13.97 -13.51
CA LEU D 100 8.67 -13.53 -13.85
C LEU D 100 9.58 -13.34 -12.64
N SER D 101 9.05 -12.78 -11.58
CA SER D 101 9.78 -12.54 -10.35
C SER D 101 10.69 -13.70 -9.90
N PRO D 102 11.88 -13.34 -9.37
CA PRO D 102 12.73 -14.31 -8.67
C PRO D 102 11.96 -14.95 -7.53
N LYS D 103 12.35 -16.19 -7.20
CA LYS D 103 11.72 -16.99 -6.16
C LYS D 103 12.57 -17.10 -4.88
#